data_7YCH
#
_entry.id   7YCH
#
_cell.length_a   1.00
_cell.length_b   1.00
_cell.length_c   1.00
_cell.angle_alpha   90.00
_cell.angle_beta   90.00
_cell.angle_gamma   90.00
#
_symmetry.space_group_name_H-M   'P 1'
#
loop_
_entity.id
_entity.type
_entity.pdbx_description
1 polymer "RNA (5'-R(*CP*CP*CP*UP*CP*UP*AP*AP*AP*CP*C)-3')"
2 polymer 'RNA (393-MER)'
3 non-polymer "GUANOSINE-5'-TRIPHOSPHATE"
4 non-polymer 'MAGNESIUM ION'
#
loop_
_entity_poly.entity_id
_entity_poly.type
_entity_poly.pdbx_seq_one_letter_code
_entity_poly.pdbx_strand_id
1 'polyribonucleotide' CCCUCUAAACC B
2 'polyribonucleotide'
;GGUUUGGAGGGAAAAGUUAUCAGGCAUGCACCUGGUAGCUAGUCUUUAAACCAAUAGAUUGCAUCGGUUUAAAAGGCAAG
ACCGUCAAAUUGCGGGAAAGGGGUCAACAGCCGUUCAGUACCAAGUCUCAGGGGAAACUUUGAGAUGGCCUUGCAAAGGG
UAUGGUAAUAAGCUGACGGACAUGGUCCUAACCACGCAGCCAAGUCCUAAGUCAACAGAUCUUCUGUUGAUAUGGAUGCA
GUUCACAGACUAAAUGUCGGUCGGGGAAGAUGUAUUCUUCUCAUAAGAUAUAGUCGGACCUCUCCUUAAUGGGAGCUAGC
GGAUGAAGUGAUGCAACACUGGAGCCGCUGGGAACUAAUUUGUAUGCGAAAGUAUAUUGAUUAGUUUUGGAGU
;
N
#
loop_
_chem_comp.id
_chem_comp.type
_chem_comp.name
_chem_comp.formula
A RNA linking ADENOSINE-5'-MONOPHOSPHATE 'C10 H14 N5 O7 P'
C RNA linking CYTIDINE-5'-MONOPHOSPHATE 'C9 H14 N3 O8 P'
G RNA linking GUANOSINE-5'-MONOPHOSPHATE 'C10 H14 N5 O8 P'
GTP non-polymer GUANOSINE-5'-TRIPHOSPHATE 'C10 H16 N5 O14 P3'
MG non-polymer 'MAGNESIUM ION' 'Mg 2'
U RNA linking URIDINE-5'-MONOPHOSPHATE 'C9 H13 N2 O9 P'
#
# COMPACT_ATOMS: atom_id res chain seq x y z
PG GTP C . 4.17 -2.14 2.82
O1G GTP C . 3.57 -3.54 2.92
O2G GTP C . 5.28 -1.98 3.83
O3G GTP C . 3.10 -1.11 3.07
O3B GTP C . 4.77 -1.96 1.33
PB GTP C . 3.84 -2.18 0.04
O1B GTP C . 4.61 -1.84 -1.21
O2B GTP C . 3.31 -3.59 -0.02
O3A GTP C . 2.63 -1.13 0.23
PA GTP C . 2.84 0.44 -0.03
O1A GTP C . 1.90 1.24 0.86
O2A GTP C . 4.27 0.84 0.20
O5' GTP C . 2.42 0.64 -1.57
C5' GTP C . 1.76 -0.39 -2.27
C4' GTP C . 0.34 0.02 -2.63
O4' GTP C . -0.54 -0.40 -1.62
C3' GTP C . 0.17 1.53 -2.75
O3' GTP C . 0.09 1.88 -4.10
C2' GTP C . -1.16 1.83 -2.07
O2' GTP C . -2.10 2.27 -3.03
C1' GTP C . -1.61 0.50 -1.46
N9 GTP C . -1.91 0.67 -0.03
C8 GTP C . -1.29 1.51 0.85
N7 GTP C . -1.85 1.35 2.07
C5 GTP C . -2.81 0.41 1.98
C6 GTP C . -3.68 -0.14 2.92
O6 GTP C . -3.64 0.24 4.09
N1 GTP C . -4.57 -1.13 2.54
C2 GTP C . -4.60 -1.54 1.22
N2 GTP C . -5.46 -2.48 0.85
N3 GTP C . -3.73 -1.00 0.29
C4 GTP C . -2.85 -0.04 0.68
MG MG D . -1.19 6.33 -4.99
MG MG E . -3.74 0.50 -8.16
MG MG F . -2.33 4.36 3.13
#